data_1GA5
#
_entry.id   1GA5
#
_cell.length_a   44.920
_cell.length_b   52.020
_cell.length_c   78.880
_cell.angle_alpha   85.84
_cell.angle_beta   76.61
_cell.angle_gamma   74.48
#
_symmetry.space_group_name_H-M   'P 1'
#
loop_
_entity.id
_entity.type
_entity.pdbx_description
1 polymer "5'-D(*CP*AP*AP*CP*TP*AP*GP*GP*TP*CP*AP*CP*TP*AP*GP*GP*TP*CP*AP*G)-3'"
2 polymer "5'-D(*CP*TP*GP*AP*CP*CP*TP*AP*GP*TP*GP*AP*CP*CP*TP*AP*GP*TP*(5IT)P*G)-3'"
3 polymer 'ORPHAN NUCLEAR RECEPTOR NR1D1'
4 non-polymer 'ZINC ION'
5 water water
#
loop_
_entity_poly.entity_id
_entity_poly.type
_entity_poly.pdbx_seq_one_letter_code
_entity_poly.pdbx_strand_id
1 'polydeoxyribonucleotide' (DC)(DA)(DA)(DC)(DT)(DA)(DG)(DG)(DT)(DC)(DA)(DC)(DT)(DA)(DG)(DG)(DT)(DC)(DA)(DG) C,G
2 'polydeoxyribonucleotide'
;(DC)(DT)(DG)(DA)(DC)(DC)(DT)(DA)(DG)(DT)(DG)(DA)(DC)(DC)(DT)(DA)(DG)(DT)(5IU)
(DG)
;
D,H
3 'polypeptide(L)'
;TKLNGMVLLCKVCGDVASGFHYGVLACEGCKGFFRRSIQQNIQYKRCLKNENCSIVRINRNRCQQCRFKKCLSVGMSRDA
VRFGRIPKREKQRM
;
A,B,E,F
#
# COMPACT_ATOMS: atom_id res chain seq x y z
N VAL E 7 -6.33 -13.73 17.25
CA VAL E 7 -6.56 -12.82 16.09
C VAL E 7 -7.89 -12.08 16.27
N LEU E 8 -8.63 -11.92 15.16
CA LEU E 8 -9.90 -11.21 15.11
C LEU E 8 -11.08 -12.15 15.32
N LEU E 9 -12.00 -11.77 16.20
CA LEU E 9 -13.17 -12.59 16.48
C LEU E 9 -14.45 -11.84 16.09
N CYS E 10 -15.36 -12.53 15.41
CA CYS E 10 -16.61 -11.92 14.99
C CYS E 10 -17.42 -11.57 16.24
N LYS E 11 -17.80 -10.29 16.35
CA LYS E 11 -18.55 -9.79 17.51
C LYS E 11 -19.90 -10.45 17.73
N VAL E 12 -20.48 -10.94 16.66
CA VAL E 12 -21.81 -11.57 16.71
C VAL E 12 -21.85 -13.07 17.01
N CYS E 13 -21.01 -13.87 16.36
CA CYS E 13 -21.05 -15.32 16.64
C CYS E 13 -19.77 -15.91 17.23
N GLY E 14 -18.71 -15.10 17.31
CA GLY E 14 -17.46 -15.59 17.87
C GLY E 14 -16.49 -16.22 16.90
N ASP E 15 -16.92 -16.44 15.66
CA ASP E 15 -16.04 -17.03 14.66
C ASP E 15 -14.84 -16.11 14.44
N VAL E 16 -13.94 -16.50 13.53
CA VAL E 16 -12.79 -15.66 13.25
C VAL E 16 -13.31 -14.54 12.39
N ALA E 17 -12.95 -13.31 12.75
CA ALA E 17 -13.38 -12.14 12.01
C ALA E 17 -12.52 -12.03 10.76
N SER E 18 -13.15 -11.70 9.65
CA SER E 18 -12.40 -11.56 8.39
C SER E 18 -12.03 -10.11 8.15
N GLY E 19 -12.57 -9.22 8.98
CA GLY E 19 -12.29 -7.81 8.86
C GLY E 19 -13.10 -6.95 9.81
N PHE E 20 -13.17 -5.65 9.51
CA PHE E 20 -13.95 -4.70 10.28
C PHE E 20 -15.07 -4.41 9.31
N HIS E 21 -16.29 -4.81 9.63
CA HIS E 21 -17.39 -4.58 8.71
C HIS E 21 -18.54 -3.84 9.35
N TYR E 22 -19.00 -2.79 8.68
CA TYR E 22 -20.12 -2.02 9.20
C TYR E 22 -19.91 -1.52 10.65
N GLY E 23 -18.65 -1.35 11.04
CA GLY E 23 -18.37 -0.85 12.37
C GLY E 23 -17.93 -1.85 13.42
N VAL E 24 -17.98 -3.12 13.10
CA VAL E 24 -17.56 -4.11 14.05
C VAL E 24 -16.80 -5.21 13.34
N LEU E 25 -15.80 -5.73 14.03
CA LEU E 25 -15.02 -6.80 13.45
C LEU E 25 -16.05 -7.93 13.31
N ALA E 26 -16.03 -8.65 12.21
CA ALA E 26 -17.00 -9.72 12.04
C ALA E 26 -16.53 -10.80 11.09
N CYS E 27 -17.19 -11.96 11.15
CA CYS E 27 -16.83 -13.07 10.26
C CYS E 27 -17.47 -12.75 8.92
N GLU E 28 -17.09 -13.48 7.88
CA GLU E 28 -17.67 -13.27 6.55
C GLU E 28 -19.14 -13.63 6.52
N GLY E 29 -19.51 -14.66 7.28
CA GLY E 29 -20.89 -15.08 7.30
C GLY E 29 -21.87 -14.02 7.81
N CYS E 30 -21.50 -13.32 8.87
CA CYS E 30 -22.35 -12.29 9.44
C CYS E 30 -22.25 -10.98 8.68
N LYS E 31 -21.15 -10.79 7.95
CA LYS E 31 -21.01 -9.57 7.17
C LYS E 31 -22.06 -9.66 6.08
N GLY E 32 -22.09 -10.79 5.39
CA GLY E 32 -23.05 -10.99 4.33
C GLY E 32 -24.47 -11.03 4.86
N PHE E 33 -24.70 -11.76 5.94
CA PHE E 33 -26.03 -11.85 6.52
C PHE E 33 -26.57 -10.46 6.82
N PHE E 34 -25.80 -9.66 7.53
CA PHE E 34 -26.21 -8.32 7.89
C PHE E 34 -26.55 -7.49 6.66
N ARG E 35 -25.61 -7.34 5.74
CA ARG E 35 -25.89 -6.56 4.54
C ARG E 35 -27.17 -7.10 3.95
N ARG E 36 -27.14 -8.38 3.59
CA ARG E 36 -28.26 -9.11 3.02
C ARG E 36 -29.56 -8.64 3.68
N SER E 37 -29.58 -8.67 5.00
CA SER E 37 -30.76 -8.25 5.76
C SER E 37 -31.06 -6.75 5.53
N ILE E 38 -30.14 -5.91 5.98
CA ILE E 38 -30.24 -4.46 5.84
C ILE E 38 -30.03 -4.04 4.39
N GLN E 39 -30.81 -4.60 3.47
CA GLN E 39 -30.70 -4.31 2.03
C GLN E 39 -31.45 -5.41 1.33
N GLN E 40 -32.62 -5.05 0.80
CA GLN E 40 -33.56 -5.95 0.13
C GLN E 40 -34.50 -6.34 1.27
N ASN E 41 -34.44 -5.51 2.31
CA ASN E 41 -35.22 -5.65 3.54
C ASN E 41 -36.52 -6.43 3.51
N ILE E 42 -36.80 -7.06 4.64
CA ILE E 42 -38.00 -7.86 4.89
C ILE E 42 -37.79 -8.37 6.30
N GLN E 43 -38.88 -8.66 7.01
CA GLN E 43 -38.79 -9.14 8.39
C GLN E 43 -38.49 -10.65 8.45
N TYR E 44 -37.94 -11.09 9.58
CA TYR E 44 -37.60 -12.50 9.77
C TYR E 44 -38.66 -13.22 10.59
N LYS E 45 -38.83 -14.52 10.33
CA LYS E 45 -39.80 -15.34 11.05
C LYS E 45 -39.70 -15.01 12.55
N ARG E 46 -40.76 -15.28 13.30
CA ARG E 46 -40.78 -14.98 14.73
C ARG E 46 -39.85 -15.91 15.51
N CYS E 47 -39.15 -15.37 16.50
CA CYS E 47 -38.24 -16.18 17.32
C CYS E 47 -39.01 -17.35 17.89
N LEU E 48 -38.41 -18.54 17.87
CA LEU E 48 -39.10 -19.73 18.37
C LEU E 48 -38.81 -20.04 19.84
N LYS E 49 -38.40 -19.02 20.59
CA LYS E 49 -38.09 -19.20 22.01
C LYS E 49 -38.34 -17.86 22.66
N ASN E 50 -37.43 -17.50 23.57
CA ASN E 50 -37.49 -16.19 24.21
C ASN E 50 -36.62 -15.41 23.21
N GLU E 51 -36.77 -14.09 23.18
CA GLU E 51 -36.00 -13.27 22.24
C GLU E 51 -34.48 -13.41 22.39
N ASN E 52 -34.03 -14.45 23.08
CA ASN E 52 -32.60 -14.66 23.28
C ASN E 52 -32.05 -16.04 22.94
N CYS E 53 -31.37 -16.13 21.81
CA CYS E 53 -30.74 -17.37 21.38
C CYS E 53 -29.27 -17.06 21.23
N SER E 54 -28.44 -17.80 21.93
CA SER E 54 -27.00 -17.59 21.88
C SER E 54 -26.44 -17.88 20.50
N ILE E 55 -26.15 -16.81 19.75
CA ILE E 55 -25.61 -16.92 18.41
C ILE E 55 -24.14 -17.30 18.47
N VAL E 56 -23.82 -18.50 17.97
CA VAL E 56 -22.45 -18.95 17.98
C VAL E 56 -22.04 -19.57 16.65
N ARG E 57 -20.74 -19.61 16.44
CA ARG E 57 -20.11 -20.16 15.24
C ARG E 57 -20.82 -21.36 14.60
N ILE E 58 -21.37 -22.22 15.44
CA ILE E 58 -22.05 -23.44 14.98
C ILE E 58 -23.56 -23.33 14.84
N ASN E 59 -24.19 -22.48 15.65
CA ASN E 59 -25.65 -22.36 15.57
C ASN E 59 -26.14 -21.01 15.08
N ARG E 60 -25.25 -20.23 14.46
CA ARG E 60 -25.62 -18.89 14.01
C ARG E 60 -26.77 -18.84 12.99
N ASN E 61 -26.84 -19.83 12.13
CA ASN E 61 -27.89 -19.85 11.12
C ASN E 61 -29.21 -20.44 11.58
N ARG E 62 -29.23 -21.09 12.74
CA ARG E 62 -30.44 -21.72 13.24
C ARG E 62 -31.59 -20.75 13.53
N CYS E 63 -31.32 -19.46 13.66
CA CYS E 63 -32.38 -18.50 13.94
C CYS E 63 -32.05 -17.07 13.55
N GLN E 64 -32.49 -16.70 12.34
CA GLN E 64 -32.24 -15.39 11.74
C GLN E 64 -32.75 -14.19 12.53
N GLN E 65 -33.91 -14.31 13.15
CA GLN E 65 -34.45 -13.18 13.90
C GLN E 65 -33.50 -12.73 15.00
N CYS E 66 -33.04 -13.67 15.83
CA CYS E 66 -32.12 -13.34 16.92
C CYS E 66 -30.74 -12.96 16.37
N ARG E 67 -30.41 -13.48 15.19
CA ARG E 67 -29.13 -13.18 14.55
C ARG E 67 -29.08 -11.73 14.10
N PHE E 68 -29.98 -11.37 13.20
CA PHE E 68 -30.01 -10.00 12.71
C PHE E 68 -30.13 -9.06 13.88
N LYS E 69 -30.95 -9.43 14.85
CA LYS E 69 -31.17 -8.60 16.01
C LYS E 69 -29.85 -8.39 16.73
N LYS E 70 -29.01 -9.42 16.71
CA LYS E 70 -27.70 -9.39 17.35
C LYS E 70 -26.67 -8.49 16.63
N CYS E 71 -26.71 -8.47 15.30
CA CYS E 71 -25.81 -7.65 14.50
C CYS E 71 -26.03 -6.19 14.85
N LEU E 72 -27.29 -5.77 14.81
CA LEU E 72 -27.64 -4.40 15.16
C LEU E 72 -27.17 -4.18 16.58
N SER E 73 -27.49 -5.14 17.43
CA SER E 73 -27.15 -5.14 18.85
C SER E 73 -25.70 -4.70 19.11
N VAL E 74 -24.74 -5.38 18.46
CA VAL E 74 -23.32 -5.07 18.61
C VAL E 74 -22.83 -3.79 17.91
N GLY E 75 -23.68 -3.20 17.06
CA GLY E 75 -23.31 -1.97 16.40
C GLY E 75 -23.24 -1.88 14.89
N MET E 76 -23.59 -2.95 14.20
CA MET E 76 -23.50 -2.93 12.74
C MET E 76 -24.47 -2.01 12.01
N SER E 77 -23.93 -1.21 11.11
CA SER E 77 -24.71 -0.27 10.30
C SER E 77 -23.86 0.25 9.15
N ARG E 78 -24.54 0.77 8.13
CA ARG E 78 -23.86 1.31 6.96
C ARG E 78 -23.17 2.62 7.28
N ASP E 79 -23.57 3.23 8.39
CA ASP E 79 -23.00 4.52 8.79
C ASP E 79 -21.72 4.41 9.60
N ALA E 80 -21.32 3.19 9.95
CA ALA E 80 -20.13 3.00 10.74
C ALA E 80 -19.00 2.34 9.96
N VAL E 81 -19.09 2.44 8.64
CA VAL E 81 -18.09 1.87 7.77
C VAL E 81 -16.80 2.65 7.79
N ARG E 82 -15.67 1.95 7.69
CA ARG E 82 -14.34 2.58 7.69
C ARG E 82 -13.45 1.92 6.63
N PHE E 83 -13.27 2.58 5.50
CA PHE E 83 -12.43 2.07 4.43
C PHE E 83 -11.00 2.42 4.73
N GLY E 84 -10.07 1.71 4.10
CA GLY E 84 -8.65 1.99 4.26
C GLY E 84 -7.87 1.20 5.31
N ARG E 85 -6.62 1.62 5.52
CA ARG E 85 -5.72 0.99 6.48
C ARG E 85 -6.17 1.29 7.90
N ILE E 86 -5.66 0.53 8.88
CA ILE E 86 -5.98 0.74 10.29
C ILE E 86 -4.86 1.60 10.88
N PRO E 87 -5.22 2.68 11.61
CA PRO E 87 -4.32 3.65 12.27
C PRO E 87 -3.58 3.42 13.61
N LYS E 88 -4.21 3.92 14.68
CA LYS E 88 -3.65 3.93 16.04
C LYS E 88 -4.12 2.91 17.10
N VAL F 7 -10.12 21.10 14.91
CA VAL F 7 -9.53 22.26 14.23
C VAL F 7 -10.03 22.39 12.78
N LEU F 8 -9.11 22.29 11.85
CA LEU F 8 -9.50 22.44 10.47
C LEU F 8 -10.43 21.29 10.02
N LEU F 9 -11.22 21.61 8.98
CA LEU F 9 -12.16 20.66 8.40
C LEU F 9 -12.12 20.60 6.85
N CYS F 10 -12.61 19.47 6.30
CA CYS F 10 -12.63 19.29 4.85
C CYS F 10 -13.82 20.04 4.29
N LYS F 11 -13.59 20.72 3.17
CA LYS F 11 -14.63 21.49 2.53
C LYS F 11 -15.64 20.57 1.89
N VAL F 12 -15.15 19.47 1.32
CA VAL F 12 -16.04 18.53 0.66
C VAL F 12 -16.93 17.68 1.55
N CYS F 13 -16.44 17.28 2.72
CA CYS F 13 -17.26 16.44 3.60
C CYS F 13 -17.26 16.81 5.08
N GLY F 14 -16.52 17.84 5.46
CA GLY F 14 -16.49 18.25 6.85
C GLY F 14 -15.68 17.33 7.75
N ASP F 15 -14.93 16.42 7.15
CA ASP F 15 -14.09 15.50 7.91
C ASP F 15 -12.80 16.29 8.26
N VAL F 16 -11.99 15.78 9.18
CA VAL F 16 -10.76 16.48 9.56
C VAL F 16 -9.88 16.75 8.34
N ALA F 17 -9.66 18.02 8.03
CA ALA F 17 -8.82 18.37 6.88
C ALA F 17 -7.40 18.00 7.22
N SER F 18 -6.62 17.66 6.21
CA SER F 18 -5.23 17.30 6.45
C SER F 18 -4.29 18.16 5.59
N GLY F 19 -4.84 19.22 5.00
CA GLY F 19 -4.05 20.09 4.16
C GLY F 19 -4.79 20.75 3.01
N PHE F 20 -4.07 21.57 2.26
CA PHE F 20 -4.63 22.29 1.13
C PHE F 20 -4.38 21.51 -0.15
N HIS F 21 -5.36 20.70 -0.54
CA HIS F 21 -5.27 19.88 -1.74
C HIS F 21 -6.10 20.38 -2.92
N TYR F 22 -5.44 20.60 -4.04
CA TYR F 22 -6.13 21.10 -5.22
C TYR F 22 -6.86 22.41 -4.88
N GLY F 23 -6.16 23.27 -4.15
CA GLY F 23 -6.68 24.57 -3.76
C GLY F 23 -7.89 24.61 -2.85
N VAL F 24 -7.99 23.66 -1.94
CA VAL F 24 -9.13 23.58 -1.03
C VAL F 24 -8.78 22.68 0.13
N LEU F 25 -9.03 23.14 1.37
CA LEU F 25 -8.74 22.31 2.53
C LEU F 25 -9.61 21.04 2.35
N ALA F 26 -8.98 19.87 2.30
CA ALA F 26 -9.70 18.59 2.12
C ALA F 26 -9.21 17.48 3.05
N CYS F 27 -9.90 16.35 3.06
CA CYS F 27 -9.49 15.20 3.87
C CYS F 27 -8.69 14.26 2.98
N GLU F 28 -7.95 13.34 3.59
CA GLU F 28 -7.17 12.39 2.81
C GLU F 28 -8.15 11.68 1.88
N GLY F 29 -9.31 11.31 2.43
CA GLY F 29 -10.33 10.63 1.66
C GLY F 29 -10.74 11.34 0.38
N CYS F 30 -11.27 12.56 0.51
CA CYS F 30 -11.71 13.37 -0.64
C CYS F 30 -10.54 13.80 -1.52
N LYS F 31 -9.37 13.88 -0.91
CA LYS F 31 -8.17 14.28 -1.62
C LYS F 31 -7.87 13.25 -2.69
N GLY F 32 -7.72 12.01 -2.24
CA GLY F 32 -7.41 10.94 -3.16
C GLY F 32 -8.52 10.62 -4.12
N PHE F 33 -9.76 10.79 -3.67
CA PHE F 33 -10.94 10.55 -4.50
C PHE F 33 -10.94 11.49 -5.68
N PHE F 34 -10.58 12.75 -5.42
CA PHE F 34 -10.54 13.75 -6.47
C PHE F 34 -9.44 13.42 -7.47
N ARG F 35 -8.22 13.24 -6.97
CA ARG F 35 -7.09 12.90 -7.85
C ARG F 35 -7.43 11.69 -8.71
N ARG F 36 -8.05 10.70 -8.08
CA ARG F 36 -8.44 9.46 -8.74
C ARG F 36 -9.48 9.73 -9.84
N SER F 37 -10.32 10.73 -9.61
CA SER F 37 -11.36 11.07 -10.57
C SER F 37 -10.85 11.77 -11.83
N ILE F 38 -10.25 12.95 -11.67
CA ILE F 38 -9.75 13.75 -12.79
C ILE F 38 -8.50 13.19 -13.48
N GLN F 39 -7.94 12.14 -12.89
CA GLN F 39 -6.76 11.51 -13.46
C GLN F 39 -7.21 10.13 -13.90
N GLN F 40 -8.42 10.05 -14.45
CA GLN F 40 -8.98 8.79 -14.91
C GLN F 40 -10.11 9.05 -15.90
N ASN F 41 -10.59 7.99 -16.55
CA ASN F 41 -11.68 8.10 -17.51
C ASN F 41 -13.01 8.39 -16.78
N ILE F 42 -13.12 9.63 -16.29
CA ILE F 42 -14.29 10.11 -15.54
C ILE F 42 -15.64 9.77 -16.15
N GLN F 43 -16.21 8.66 -15.70
CA GLN F 43 -17.50 8.23 -16.21
C GLN F 43 -18.29 7.70 -15.02
N TYR F 44 -18.68 8.59 -14.12
CA TYR F 44 -19.44 8.16 -12.95
C TYR F 44 -20.90 7.86 -13.26
N LYS F 45 -21.38 6.70 -12.81
CA LYS F 45 -22.79 6.30 -13.01
C LYS F 45 -23.68 7.44 -12.51
N ARG F 46 -24.64 7.89 -13.31
CA ARG F 46 -25.53 8.99 -12.90
C ARG F 46 -26.12 8.72 -11.51
N CYS F 47 -26.25 9.76 -10.70
CA CYS F 47 -26.78 9.63 -9.34
C CYS F 47 -28.13 8.96 -9.29
N LEU F 48 -28.25 7.93 -8.45
CA LEU F 48 -29.49 7.19 -8.35
C LEU F 48 -30.60 7.85 -7.55
N LYS F 49 -30.37 9.03 -6.99
CA LYS F 49 -31.42 9.65 -6.19
C LYS F 49 -31.61 11.18 -6.22
N ASN F 50 -31.96 11.71 -7.39
CA ASN F 50 -32.21 13.15 -7.57
C ASN F 50 -30.95 14.03 -7.46
N GLU F 51 -29.84 13.53 -8.00
CA GLU F 51 -28.55 14.23 -8.01
C GLU F 51 -28.35 15.36 -6.98
N ASN F 52 -28.83 15.17 -5.76
CA ASN F 52 -28.66 16.21 -4.75
C ASN F 52 -28.26 15.58 -3.43
N CYS F 53 -27.50 14.49 -3.52
CA CYS F 53 -27.03 13.75 -2.36
C CYS F 53 -26.10 14.59 -1.50
N SER F 54 -26.37 14.65 -0.21
CA SER F 54 -25.53 15.42 0.70
C SER F 54 -24.19 14.71 0.77
N ILE F 55 -23.16 15.44 1.20
CA ILE F 55 -21.84 14.84 1.33
C ILE F 55 -21.23 15.15 2.68
N VAL F 56 -21.27 14.17 3.56
CA VAL F 56 -20.69 14.28 4.91
C VAL F 56 -19.85 13.04 5.22
N ARG F 57 -19.12 13.08 6.34
CA ARG F 57 -18.23 11.99 6.76
C ARG F 57 -18.94 10.63 6.70
N ILE F 58 -20.12 10.56 7.28
CA ILE F 58 -20.88 9.31 7.31
C ILE F 58 -21.31 8.72 5.97
N ASN F 59 -21.62 9.56 4.97
CA ASN F 59 -22.07 9.02 3.70
C ASN F 59 -21.28 9.38 2.46
N ARG F 60 -20.06 9.91 2.61
CA ARG F 60 -19.29 10.34 1.45
C ARG F 60 -19.00 9.31 0.36
N ASN F 61 -19.16 8.03 0.66
CA ASN F 61 -18.88 7.00 -0.33
C ASN F 61 -20.16 6.50 -1.00
N ARG F 62 -21.31 6.89 -0.47
CA ARG F 62 -22.60 6.45 -0.99
C ARG F 62 -22.93 6.85 -2.45
N CYS F 63 -22.58 8.07 -2.86
CA CYS F 63 -22.84 8.49 -4.24
C CYS F 63 -21.61 9.13 -4.85
N GLN F 64 -20.96 8.42 -5.76
CA GLN F 64 -19.76 8.95 -6.37
C GLN F 64 -19.99 10.18 -7.21
N GLN F 65 -20.96 10.12 -8.12
CA GLN F 65 -21.26 11.26 -8.99
C GLN F 65 -21.40 12.55 -8.18
N CYS F 66 -22.12 12.50 -7.07
CA CYS F 66 -22.29 13.67 -6.22
C CYS F 66 -21.00 14.09 -5.57
N ARG F 67 -20.37 13.18 -4.83
CA ARG F 67 -19.12 13.48 -4.15
C ARG F 67 -18.16 14.20 -5.08
N PHE F 68 -17.96 13.66 -6.28
CA PHE F 68 -17.07 14.30 -7.23
C PHE F 68 -17.66 15.67 -7.58
N LYS F 69 -18.98 15.70 -7.78
CA LYS F 69 -19.65 16.94 -8.10
C LYS F 69 -19.41 17.96 -6.98
N LYS F 70 -19.32 17.48 -5.74
CA LYS F 70 -19.11 18.36 -4.60
C LYS F 70 -17.66 18.84 -4.59
N CYS F 71 -16.76 18.03 -5.16
CA CYS F 71 -15.36 18.40 -5.19
C CYS F 71 -15.13 19.59 -6.07
N LEU F 72 -15.63 19.52 -7.29
CA LEU F 72 -15.49 20.61 -8.23
C LEU F 72 -16.30 21.80 -7.72
N SER F 73 -17.45 21.50 -7.13
CA SER F 73 -18.34 22.53 -6.61
C SER F 73 -17.69 23.47 -5.61
N VAL F 74 -16.84 22.93 -4.74
CA VAL F 74 -16.18 23.73 -3.71
C VAL F 74 -14.91 24.41 -4.16
N GLY F 75 -14.50 24.17 -5.40
CA GLY F 75 -13.29 24.81 -5.91
C GLY F 75 -12.07 23.98 -6.24
N MET F 76 -12.10 22.66 -6.04
CA MET F 76 -10.94 21.84 -6.36
C MET F 76 -10.73 21.71 -7.88
N SER F 77 -9.46 21.64 -8.27
CA SER F 77 -9.05 21.45 -9.67
C SER F 77 -7.53 21.41 -9.66
N ARG F 78 -6.94 20.73 -10.63
CA ARG F 78 -5.48 20.63 -10.70
C ARG F 78 -4.81 21.97 -10.91
N ASP F 79 -5.47 22.86 -11.64
CA ASP F 79 -4.93 24.18 -11.91
C ASP F 79 -5.21 25.21 -10.80
N ALA F 80 -5.42 24.71 -9.57
CA ALA F 80 -5.67 25.57 -8.41
C ALA F 80 -4.70 25.14 -7.31
N VAL F 81 -3.88 24.14 -7.63
CA VAL F 81 -2.89 23.59 -6.71
C VAL F 81 -1.99 24.69 -6.12
N ARG F 82 -1.50 24.46 -4.91
CA ARG F 82 -0.59 25.39 -4.22
C ARG F 82 0.46 24.56 -3.48
N PHE F 83 1.68 25.10 -3.31
CA PHE F 83 2.76 24.34 -2.65
C PHE F 83 3.49 24.88 -1.39
N GLY F 84 2.88 25.77 -0.60
CA GLY F 84 3.62 26.23 0.57
C GLY F 84 3.21 27.46 1.34
N ARG F 85 2.30 27.30 2.30
CA ARG F 85 1.81 28.39 3.15
C ARG F 85 1.07 27.82 4.39
N VAL G 7 32.42 -17.85 8.50
CA VAL G 7 31.64 -17.73 7.22
C VAL G 7 30.23 -17.25 7.50
N LEU G 8 29.63 -16.62 6.50
CA LEU G 8 28.27 -16.09 6.60
C LEU G 8 27.21 -17.18 6.45
N LEU G 9 26.19 -17.11 7.28
CA LEU G 9 25.10 -18.08 7.27
C LEU G 9 23.79 -17.38 6.91
N CYS G 10 22.93 -18.07 6.17
CA CYS G 10 21.66 -17.48 5.79
C CYS G 10 20.86 -17.11 7.03
N LYS G 11 20.38 -15.88 7.06
CA LYS G 11 19.62 -15.40 8.20
C LYS G 11 18.20 -15.99 8.15
N VAL G 12 17.86 -16.60 7.01
CA VAL G 12 16.54 -17.22 6.83
C VAL G 12 16.50 -18.71 7.17
N CYS G 13 17.35 -19.53 6.55
CA CYS G 13 17.32 -20.98 6.82
C CYS G 13 18.57 -21.55 7.50
N GLY G 14 19.61 -20.72 7.67
CA GLY G 14 20.82 -21.20 8.33
C GLY G 14 21.89 -21.74 7.41
N ASP G 15 21.50 -22.17 6.21
CA ASP G 15 22.43 -22.70 5.24
C ASP G 15 23.47 -21.61 5.01
N VAL G 16 24.61 -21.99 4.43
CA VAL G 16 25.68 -21.03 4.15
C VAL G 16 25.18 -19.89 3.26
N ALA G 17 25.45 -18.65 3.66
CA ALA G 17 25.02 -17.49 2.89
C ALA G 17 25.91 -17.37 1.67
N SER G 18 25.33 -16.96 0.54
CA SER G 18 26.13 -16.82 -0.67
C SER G 18 26.42 -15.35 -0.90
N GLY G 19 25.95 -14.52 0.02
CA GLY G 19 26.17 -13.11 -0.08
C GLY G 19 25.15 -12.29 0.66
N PHE G 20 25.12 -11.00 0.34
CA PHE G 20 24.20 -10.05 0.95
C PHE G 20 23.12 -9.81 -0.08
N HIS G 21 21.96 -10.43 0.11
CA HIS G 21 20.88 -10.24 -0.84
C HIS G 21 19.68 -9.55 -0.21
N TYR G 22 19.22 -8.48 -0.85
CA TYR G 22 18.06 -7.73 -0.36
C TYR G 22 18.22 -7.23 1.07
N GLY G 23 19.45 -6.95 1.48
CA GLY G 23 19.65 -6.41 2.81
C GLY G 23 19.97 -7.42 3.89
N VAL G 24 20.03 -8.68 3.52
CA VAL G 24 20.37 -9.70 4.51
C VAL G 24 21.26 -10.74 3.87
N LEU G 25 22.12 -11.33 4.68
CA LEU G 25 23.02 -12.35 4.19
C LEU G 25 22.09 -13.54 4.01
N ALA G 26 22.13 -14.17 2.84
CA ALA G 26 21.26 -15.31 2.58
C ALA G 26 21.86 -16.26 1.57
N CYS G 27 21.30 -17.47 1.51
CA CYS G 27 21.77 -18.50 0.60
C CYS G 27 21.08 -18.27 -0.75
N GLU G 28 21.54 -18.99 -1.78
CA GLU G 28 20.95 -18.84 -3.11
C GLU G 28 19.47 -19.19 -3.13
N GLY G 29 19.09 -20.19 -2.34
CA GLY G 29 17.69 -20.59 -2.30
C GLY G 29 16.75 -19.49 -1.83
N CYS G 30 16.99 -18.95 -0.64
CA CYS G 30 16.10 -17.91 -0.11
C CYS G 30 16.16 -16.65 -0.98
N LYS G 31 17.31 -16.39 -1.60
CA LYS G 31 17.46 -15.23 -2.46
C LYS G 31 16.52 -15.35 -3.68
N GLY G 32 16.51 -16.54 -4.27
CA GLY G 32 15.65 -16.80 -5.42
C GLY G 32 14.19 -16.89 -5.03
N PHE G 33 13.92 -17.56 -3.92
CA PHE G 33 12.55 -17.71 -3.44
C PHE G 33 11.92 -16.34 -3.14
N PHE G 34 12.64 -15.49 -2.41
CA PHE G 34 12.14 -14.16 -2.04
C PHE G 34 11.90 -13.29 -3.28
N ARG G 35 12.84 -13.28 -4.22
CA ARG G 35 12.65 -12.50 -5.43
C ARG G 35 11.47 -13.14 -6.15
N ARG G 36 11.56 -14.45 -6.31
CA ARG G 36 10.52 -15.24 -6.94
C ARG G 36 9.20 -14.78 -6.40
N SER G 37 9.13 -14.71 -5.06
CA SER G 37 7.93 -14.28 -4.38
C SER G 37 7.52 -12.87 -4.83
N ILE G 38 8.00 -11.85 -4.13
CA ILE G 38 7.67 -10.46 -4.46
C ILE G 38 7.62 -10.12 -5.95
N GLN G 39 8.51 -10.71 -6.73
CA GLN G 39 8.58 -10.45 -8.18
C GLN G 39 7.52 -11.25 -8.94
N GLN G 40 6.24 -10.94 -8.68
CA GLN G 40 5.08 -11.58 -9.30
C GLN G 40 3.89 -11.64 -8.34
N ASN G 41 2.70 -11.31 -8.83
CA ASN G 41 1.49 -11.36 -8.01
C ASN G 41 1.30 -12.82 -7.57
N ILE G 42 2.12 -13.22 -6.61
CA ILE G 42 2.13 -14.58 -6.07
C ILE G 42 1.56 -14.66 -4.65
N GLN G 43 0.91 -15.78 -4.35
CA GLN G 43 0.34 -16.02 -3.03
C GLN G 43 0.46 -17.51 -2.70
N TYR G 44 0.97 -17.82 -1.51
CA TYR G 44 1.14 -19.21 -1.08
C TYR G 44 -0.04 -19.71 -0.27
N LYS G 45 -0.15 -21.03 -0.14
CA LYS G 45 -1.25 -21.66 0.61
C LYS G 45 -1.12 -21.31 2.09
N ARG G 46 -2.24 -21.08 2.76
CA ARG G 46 -2.19 -20.79 4.19
C ARG G 46 -1.45 -21.97 4.82
N CYS G 47 -0.67 -21.71 5.86
CA CYS G 47 0.09 -22.77 6.53
C CYS G 47 -0.76 -23.95 7.00
N LEU G 48 -0.16 -25.13 7.05
CA LEU G 48 -0.88 -26.34 7.48
C LEU G 48 -0.50 -26.78 8.91
N LYS G 49 -0.43 -25.79 9.81
CA LYS G 49 -0.09 -25.97 11.23
C LYS G 49 -0.11 -24.55 11.76
N ASN G 50 0.61 -24.27 12.84
CA ASN G 50 0.66 -22.90 13.33
C ASN G 50 1.61 -22.15 12.40
N GLU G 51 1.40 -20.86 12.22
CA GLU G 51 2.27 -20.07 11.34
C GLU G 51 3.60 -19.76 12.03
N ASN G 52 4.29 -20.82 12.46
CA ASN G 52 5.56 -20.65 13.17
C ASN G 52 6.50 -21.84 12.97
N CYS G 53 6.64 -22.28 11.72
CA CYS G 53 7.54 -23.40 11.42
C CYS G 53 8.98 -22.91 11.37
N SER G 54 9.84 -23.55 12.15
CA SER G 54 11.24 -23.18 12.17
C SER G 54 11.85 -23.58 10.83
N ILE G 55 12.22 -22.57 10.04
CA ILE G 55 12.80 -22.81 8.71
C ILE G 55 14.29 -23.14 8.87
N VAL G 56 14.64 -24.37 8.52
CA VAL G 56 16.01 -24.83 8.63
C VAL G 56 16.54 -25.32 7.26
N ARG G 57 17.85 -25.42 7.15
CA ARG G 57 18.53 -25.86 5.94
C ARG G 57 17.81 -26.98 5.18
N ILE G 58 17.44 -28.03 5.92
CA ILE G 58 16.80 -29.22 5.36
C ILE G 58 15.28 -29.26 5.23
N ASN G 59 14.58 -28.26 5.77
CA ASN G 59 13.13 -28.27 5.69
C ASN G 59 12.57 -26.93 5.27
N ARG G 60 13.39 -26.11 4.65
CA ARG G 60 12.94 -24.78 4.26
C ARG G 60 11.90 -24.76 3.15
N ASN G 61 11.90 -25.77 2.28
CA ASN G 61 10.91 -25.79 1.22
C ASN G 61 9.60 -26.42 1.66
N ARG G 62 9.61 -27.01 2.84
CA ARG G 62 8.42 -27.69 3.37
C ARG G 62 7.21 -26.79 3.61
N CYS G 63 7.43 -25.51 3.91
CA CYS G 63 6.31 -24.58 4.17
C CYS G 63 6.58 -23.20 3.60
N GLN G 64 5.97 -22.89 2.46
CA GLN G 64 6.20 -21.62 1.77
C GLN G 64 5.69 -20.33 2.40
N GLN G 65 4.58 -20.39 3.10
CA GLN G 65 4.06 -19.19 3.73
C GLN G 65 5.03 -18.78 4.82
N CYS G 66 5.33 -19.73 5.71
CA CYS G 66 6.23 -19.49 6.82
C CYS G 66 7.63 -19.06 6.36
N ARG G 67 8.06 -19.55 5.20
CA ARG G 67 9.37 -19.19 4.68
C ARG G 67 9.40 -17.75 4.19
N PHE G 68 8.45 -17.39 3.34
CA PHE G 68 8.38 -16.04 2.83
C PHE G 68 8.18 -15.07 3.99
N LYS G 69 7.31 -15.43 4.92
CA LYS G 69 7.05 -14.57 6.07
C LYS G 69 8.31 -14.37 6.88
N LYS G 70 9.28 -15.28 6.69
CA LYS G 70 10.56 -15.24 7.40
C LYS G 70 11.54 -14.30 6.70
N CYS G 71 11.60 -14.38 5.37
CA CYS G 71 12.46 -13.51 4.58
C CYS G 71 12.13 -12.06 4.96
N LEU G 72 10.83 -11.76 4.97
CA LEU G 72 10.39 -10.42 5.33
C LEU G 72 10.78 -10.23 6.79
N SER G 73 10.44 -11.21 7.61
CA SER G 73 10.75 -11.16 9.03
C SER G 73 12.16 -10.66 9.27
N VAL G 74 13.14 -11.30 8.62
CA VAL G 74 14.54 -10.91 8.80
C VAL G 74 14.98 -9.65 8.06
N GLY G 75 14.05 -9.01 7.34
CA GLY G 75 14.37 -7.77 6.65
C GLY G 75 14.56 -7.69 5.14
N MET G 76 14.36 -8.79 4.42
CA MET G 76 14.57 -8.73 2.97
C MET G 76 13.61 -7.83 2.23
N SER G 77 14.16 -7.06 1.29
CA SER G 77 13.39 -6.13 0.46
C SER G 77 14.28 -5.43 -0.58
N ARG G 78 13.67 -5.05 -1.69
CA ARG G 78 14.39 -4.39 -2.78
C ARG G 78 14.97 -3.04 -2.36
N ASP G 79 14.43 -2.47 -1.29
CA ASP G 79 14.92 -1.17 -0.84
C ASP G 79 16.15 -1.28 0.05
N ALA G 80 16.63 -2.51 0.24
CA ALA G 80 17.79 -2.73 1.10
C ALA G 80 19.01 -3.21 0.33
N VAL G 81 18.86 -3.35 -0.99
CA VAL G 81 19.94 -3.81 -1.85
C VAL G 81 21.18 -2.94 -1.69
N ARG G 82 22.35 -3.59 -1.62
CA ARG G 82 23.63 -2.90 -1.50
C ARG G 82 24.58 -3.45 -2.55
N PHE G 83 24.70 -2.74 -3.66
CA PHE G 83 25.60 -3.16 -4.72
C PHE G 83 27.02 -2.79 -4.33
N GLY G 84 28.00 -3.37 -5.04
CA GLY G 84 29.40 -3.07 -4.80
C GLY G 84 30.18 -3.87 -3.79
N ARG G 85 31.46 -3.50 -3.62
CA ARG G 85 32.34 -4.16 -2.67
C ARG G 85 31.77 -3.86 -1.29
N ILE G 86 32.19 -4.62 -0.28
CA ILE G 86 31.71 -4.42 1.08
C ILE G 86 32.61 -3.41 1.76
N PRO G 87 32.04 -2.30 2.24
CA PRO G 87 32.83 -1.26 2.91
C PRO G 87 33.43 -1.69 4.24
N VAL H 7 25.82 17.03 5.12
CA VAL H 7 27.15 17.57 4.70
C VAL H 7 27.63 16.96 3.38
N LEU H 8 27.33 17.68 2.28
CA LEU H 8 27.67 17.34 0.90
C LEU H 8 26.91 16.12 0.41
N LEU H 9 25.93 16.37 -0.47
CA LEU H 9 25.10 15.32 -1.02
C LEU H 9 25.20 15.28 -2.54
N CYS H 10 24.97 14.10 -3.08
CA CYS H 10 25.01 13.84 -4.51
C CYS H 10 23.84 14.53 -5.18
N LYS H 11 24.11 15.32 -6.21
CA LYS H 11 23.07 16.04 -6.94
C LYS H 11 22.17 15.12 -7.75
N VAL H 12 22.67 13.94 -8.10
CA VAL H 12 21.87 13.02 -8.88
C VAL H 12 20.99 12.09 -8.05
N CYS H 13 21.43 11.71 -6.86
CA CYS H 13 20.63 10.79 -6.04
C CYS H 13 20.50 11.14 -4.56
N GLY H 14 21.21 12.16 -4.10
CA GLY H 14 21.08 12.54 -2.70
C GLY H 14 21.90 11.69 -1.74
N ASP H 15 22.58 10.69 -2.26
CA ASP H 15 23.42 9.84 -1.42
C ASP H 15 24.59 10.73 -1.01
N VAL H 16 25.41 10.29 -0.06
CA VAL H 16 26.57 11.09 0.34
C VAL H 16 27.54 11.26 -0.81
N ALA H 17 27.74 12.50 -1.23
CA ALA H 17 28.65 12.79 -2.31
C ALA H 17 30.10 12.68 -1.82
N SER H 18 30.97 12.17 -2.67
CA SER H 18 32.37 11.99 -2.30
C SER H 18 33.31 12.95 -3.05
N GLY H 19 32.74 13.93 -3.76
CA GLY H 19 33.57 14.86 -4.50
C GLY H 19 32.93 15.51 -5.71
N PHE H 20 33.59 16.52 -6.26
CA PHE H 20 33.10 17.25 -7.41
C PHE H 20 33.44 16.43 -8.64
N HIS H 21 32.51 15.57 -9.03
CA HIS H 21 32.67 14.68 -10.19
C HIS H 21 31.91 15.14 -11.44
N TYR H 22 32.65 15.45 -12.48
CA TYR H 22 32.06 15.91 -13.73
C TYR H 22 31.27 17.21 -13.55
N GLY H 23 31.80 18.09 -12.70
CA GLY H 23 31.20 19.38 -12.44
C GLY H 23 29.90 19.36 -11.66
N VAL H 24 29.82 18.46 -10.68
CA VAL H 24 28.63 18.32 -9.87
C VAL H 24 29.01 17.48 -8.66
N LEU H 25 28.58 17.88 -7.47
CA LEU H 25 28.91 17.09 -6.29
C LEU H 25 28.15 15.78 -6.50
N ALA H 26 28.85 14.65 -6.56
CA ALA H 26 28.21 13.34 -6.78
C ALA H 26 28.84 12.24 -5.94
N CYS H 27 28.06 11.20 -5.66
CA CYS H 27 28.55 10.07 -4.88
C CYS H 27 29.34 9.17 -5.80
N GLU H 28 30.05 8.21 -5.20
CA GLU H 28 30.85 7.27 -5.98
C GLU H 28 29.98 6.52 -6.98
N GLY H 29 28.77 6.16 -6.58
CA GLY H 29 27.87 5.43 -7.45
C GLY H 29 27.44 6.16 -8.72
N CYS H 30 26.97 7.38 -8.56
CA CYS H 30 26.52 8.18 -9.70
C CYS H 30 27.68 8.65 -10.57
N LYS H 31 28.85 8.76 -9.96
CA LYS H 31 30.02 9.19 -10.70
C LYS H 31 30.41 8.08 -11.66
N GLY H 32 30.52 6.87 -11.15
CA GLY H 32 30.88 5.74 -11.95
C GLY H 32 29.86 5.50 -13.04
N PHE H 33 28.58 5.49 -12.68
CA PHE H 33 27.51 5.26 -13.65
C PHE H 33 27.60 6.30 -14.76
N PHE H 34 27.89 7.54 -14.40
CA PHE H 34 27.98 8.54 -15.43
C PHE H 34 29.12 8.24 -16.39
N ARG H 35 30.33 8.03 -15.86
CA ARG H 35 31.49 7.72 -16.69
C ARG H 35 31.18 6.52 -17.58
N ARG H 36 30.64 5.49 -16.95
CA ARG H 36 30.29 4.26 -17.61
C ARG H 36 29.40 4.54 -18.83
N SER H 37 28.30 5.25 -18.60
CA SER H 37 27.33 5.59 -19.62
C SER H 37 27.86 6.36 -20.84
N ILE H 38 28.47 7.51 -20.60
CA ILE H 38 28.97 8.32 -21.70
C ILE H 38 30.21 7.78 -22.35
N GLN H 39 30.96 6.94 -21.64
CA GLN H 39 32.20 6.37 -22.19
C GLN H 39 31.92 5.16 -23.09
N GLN H 40 30.68 4.67 -23.06
CA GLN H 40 30.29 3.51 -23.86
C GLN H 40 29.24 3.89 -24.90
N ASN H 41 28.88 2.92 -25.74
CA ASN H 41 27.86 3.13 -26.78
C ASN H 41 26.50 3.25 -26.08
N ILE H 42 26.42 4.21 -25.16
CA ILE H 42 25.22 4.50 -24.37
C ILE H 42 23.93 4.43 -25.19
N GLN H 43 23.22 3.32 -25.02
CA GLN H 43 21.95 3.09 -25.70
C GLN H 43 21.03 2.45 -24.68
N TYR H 44 20.71 3.20 -23.64
CA TYR H 44 19.84 2.72 -22.58
C TYR H 44 18.41 2.47 -23.03
N LYS H 45 17.89 1.31 -22.67
CA LYS H 45 16.51 0.91 -23.01
C LYS H 45 15.59 2.07 -22.67
N ARG H 46 14.42 2.12 -23.32
CA ARG H 46 13.46 3.19 -23.06
C ARG H 46 12.84 2.93 -21.69
N CYS H 47 12.56 4.02 -20.96
CA CYS H 47 11.99 3.89 -19.63
C CYS H 47 10.67 3.12 -19.67
N LEU H 48 10.44 2.27 -18.67
CA LEU H 48 9.22 1.48 -18.63
C LEU H 48 8.15 2.06 -17.72
N LYS H 49 8.32 3.32 -17.32
CA LYS H 49 7.37 3.95 -16.41
C LYS H 49 7.29 5.45 -16.65
N ASN H 50 6.63 5.83 -17.73
CA ASN H 50 6.46 7.24 -18.11
C ASN H 50 7.64 8.18 -17.76
N GLU H 51 8.82 7.81 -18.22
CA GLU H 51 10.00 8.65 -18.05
C GLU H 51 9.98 9.62 -16.90
N ASN H 52 9.46 9.33 -15.75
CA ASN H 52 9.54 10.38 -14.77
C ASN H 52 10.10 9.82 -13.47
N CYS H 53 10.71 8.67 -13.60
CA CYS H 53 11.25 7.97 -12.44
C CYS H 53 12.08 8.86 -11.52
N SER H 54 11.72 8.89 -10.25
CA SER H 54 12.46 9.68 -9.28
C SER H 54 13.78 8.94 -9.14
N ILE H 55 14.84 9.67 -8.83
CA ILE H 55 16.13 9.05 -8.65
C ILE H 55 16.67 9.37 -7.29
N VAL H 56 16.60 8.39 -6.41
CA VAL H 56 17.12 8.56 -5.05
C VAL H 56 17.90 7.33 -4.60
N ARG H 57 18.59 7.47 -3.48
CA ARG H 57 19.39 6.39 -2.91
C ARG H 57 18.77 5.01 -3.13
N ILE H 58 17.66 4.78 -2.44
CA ILE H 58 16.96 3.51 -2.49
C ILE H 58 16.57 2.92 -3.84
N ASN H 59 16.32 3.76 -4.86
CA ASN H 59 15.91 3.25 -6.16
C ASN H 59 16.78 3.66 -7.34
N ARG H 60 17.94 4.23 -7.08
CA ARG H 60 18.78 4.70 -8.18
C ARG H 60 19.15 3.70 -9.26
N ASN H 61 19.05 2.42 -8.98
CA ASN H 61 19.38 1.41 -9.98
C ASN H 61 18.18 0.86 -10.72
N ARG H 62 16.98 1.29 -10.34
CA ARG H 62 15.76 0.81 -10.97
C ARG H 62 15.52 1.25 -12.43
N CYS H 63 16.09 2.39 -12.85
CA CYS H 63 15.92 2.85 -14.23
C CYS H 63 17.20 3.50 -14.74
N GLN H 64 17.79 2.89 -15.76
CA GLN H 64 19.03 3.40 -16.34
C GLN H 64 18.89 4.69 -17.12
N GLN H 65 17.91 4.75 -18.02
CA GLN H 65 17.76 5.96 -18.83
C GLN H 65 17.53 7.15 -17.92
N CYS H 66 16.58 7.01 -17.00
CA CYS H 66 16.26 8.09 -16.09
C CYS H 66 17.44 8.58 -15.28
N ARG H 67 18.13 7.66 -14.59
CA ARG H 67 19.31 8.02 -13.78
C ARG H 67 20.33 8.75 -14.64
N PHE H 68 20.53 8.26 -15.86
CA PHE H 68 21.47 8.89 -16.77
C PHE H 68 20.90 10.25 -17.16
N LYS H 69 19.62 10.24 -17.52
CA LYS H 69 18.90 11.45 -17.90
C LYS H 69 19.07 12.47 -16.76
N LYS H 70 19.06 11.96 -15.53
CA LYS H 70 19.19 12.77 -14.33
C LYS H 70 20.62 13.28 -14.15
N CYS H 71 21.61 12.55 -14.66
CA CYS H 71 22.99 13.01 -14.51
C CYS H 71 23.19 14.21 -15.41
N LEU H 72 22.84 14.02 -16.68
CA LEU H 72 22.95 15.08 -17.67
C LEU H 72 22.10 16.26 -17.20
N SER H 73 20.92 15.96 -16.69
CA SER H 73 19.99 16.97 -16.21
C SER H 73 20.50 17.88 -15.08
N VAL H 74 21.40 17.39 -14.24
CA VAL H 74 21.90 18.21 -13.15
C VAL H 74 23.21 18.90 -13.52
N GLY H 75 23.68 18.68 -14.73
CA GLY H 75 24.90 19.33 -15.16
C GLY H 75 26.16 18.52 -15.38
N MET H 76 26.13 17.21 -15.12
CA MET H 76 27.32 16.41 -15.32
C MET H 76 27.67 16.25 -16.79
N SER H 77 28.97 16.31 -17.09
CA SER H 77 29.46 16.11 -18.46
C SER H 77 31.00 16.18 -18.49
N ARG H 78 31.59 15.57 -19.51
CA ARG H 78 33.04 15.54 -19.67
C ARG H 78 33.64 16.92 -19.81
N ASP H 79 32.93 17.79 -20.52
CA ASP H 79 33.41 19.14 -20.75
C ASP H 79 33.00 20.09 -19.63
N ALA H 80 32.88 19.53 -18.43
CA ALA H 80 32.50 20.28 -17.24
C ALA H 80 33.42 19.95 -16.07
N VAL H 81 34.23 18.91 -16.23
CA VAL H 81 35.17 18.47 -15.21
C VAL H 81 36.01 19.60 -14.59
N ARG H 82 36.33 19.45 -13.30
CA ARG H 82 37.12 20.45 -12.58
C ARG H 82 38.19 19.74 -11.75
N PHE H 83 39.46 20.03 -12.04
CA PHE H 83 40.59 19.41 -11.33
C PHE H 83 41.20 20.19 -10.16
N GLY H 84 41.60 19.46 -9.13
CA GLY H 84 42.22 20.07 -7.96
C GLY H 84 41.62 21.37 -7.45
#